data_1ZVT
#
_entry.id   1ZVT
#
_cell.length_a   40.908
_cell.length_b   50.494
_cell.length_c   72.759
_cell.angle_alpha   86.11
_cell.angle_beta   86.90
_cell.angle_gamma   70.57
#
_symmetry.space_group_name_H-M   'P 1'
#
loop_
_entity.id
_entity.type
_entity.pdbx_description
1 polymer 'Topoisomerase IV subunit A'
2 water water
#
_entity_poly.entity_id   1
_entity_poly.type   'polypeptide(L)'
_entity_poly.pdbx_seq_one_letter_code
;SEPVTIVLSQMGWVRSAKGHDIDAPGLNYKAGDSFKAAVKGKSNQPVVFVDSTGRSYAIDPITLPSARGQGEPLTGKLTL
PPGATVDHMLMESDDQKLLMASDAGYGFVCTFNDLVARNRAGKALITLPENAHVMPPVVIEDASDMLLAITQAGRMLMFP
VSDLPQLSKGKGNKIINIPSAEAARGEDGLAQLYVLPPQSTLTIHVGKRKIKLRPEELQKVTGERGRRGTLMRGLQRIDR
VEIDSPRRASSGDSEE
;
_entity_poly.pdbx_strand_id   A,B
#
# COMPACT_ATOMS: atom_id res chain seq x y z
N SER A 1 -30.29 16.01 -13.19
CA SER A 1 -29.39 15.24 -12.27
C SER A 1 -29.45 13.74 -12.59
N GLU A 2 -28.30 13.18 -12.95
CA GLU A 2 -28.20 11.75 -13.24
C GLU A 2 -26.80 11.28 -12.81
N PRO A 3 -26.68 10.03 -12.35
CA PRO A 3 -25.37 9.49 -11.93
C PRO A 3 -24.37 9.51 -13.08
N VAL A 4 -23.14 9.95 -12.79
CA VAL A 4 -22.07 9.97 -13.78
C VAL A 4 -20.77 9.48 -13.15
N THR A 5 -19.87 9.00 -14.02
CA THR A 5 -18.48 8.70 -13.62
C THR A 5 -17.59 9.53 -14.52
N ILE A 6 -16.68 10.28 -13.90
CA ILE A 6 -15.71 11.04 -14.69
C ILE A 6 -14.42 10.24 -14.75
N VAL A 7 -13.87 10.08 -15.95
CA VAL A 7 -12.68 9.24 -16.16
C VAL A 7 -11.56 10.09 -16.70
N LEU A 8 -10.41 10.01 -16.04
CA LEU A 8 -9.20 10.76 -16.37
C LEU A 8 -8.16 9.80 -16.90
N SER A 9 -7.52 10.17 -18.00
CA SER A 9 -6.50 9.33 -18.59
C SER A 9 -5.09 9.84 -18.25
N GLN A 10 -4.09 9.00 -18.51
CA GLN A 10 -2.69 9.32 -18.22
C GLN A 10 -2.24 10.60 -18.92
N MET A 11 -2.76 10.80 -20.13
CA MET A 11 -2.42 11.97 -20.94
C MET A 11 -3.26 13.21 -20.64
N GLY A 12 -4.17 13.10 -19.66
CA GLY A 12 -4.94 14.27 -19.23
C GLY A 12 -6.19 14.52 -20.06
N TRP A 13 -6.77 13.44 -20.60
CA TRP A 13 -8.01 13.51 -21.34
C TRP A 13 -9.13 13.01 -20.45
N VAL A 14 -10.30 13.61 -20.59
CA VAL A 14 -11.42 13.29 -19.70
C VAL A 14 -12.69 12.99 -20.46
N ARG A 15 -13.60 12.27 -19.79
CA ARG A 15 -14.95 12.09 -20.30
C ARG A 15 -15.87 11.82 -19.12
N SER A 16 -17.18 11.95 -19.36
CA SER A 16 -18.20 11.74 -18.33
C SER A 16 -19.10 10.62 -18.80
N ALA A 17 -19.03 9.48 -18.14
CA ALA A 17 -19.83 8.31 -18.52
C ALA A 17 -21.11 8.28 -17.70
N LYS A 18 -22.20 7.87 -18.32
CA LYS A 18 -23.47 7.73 -17.61
C LYS A 18 -23.38 6.55 -16.66
N GLY A 19 -23.85 6.73 -15.42
CA GLY A 19 -23.88 5.66 -14.44
C GLY A 19 -22.65 5.55 -13.55
N HIS A 20 -22.74 4.70 -12.53
CA HIS A 20 -21.63 4.50 -11.60
C HIS A 20 -20.91 3.17 -11.82
N ASP A 21 -21.45 2.34 -12.73
CA ASP A 21 -21.02 0.95 -12.93
C ASP A 21 -20.05 0.68 -14.11
N ILE A 22 -19.58 1.74 -14.76
CA ILE A 22 -18.79 1.57 -15.98
C ILE A 22 -17.44 0.91 -15.68
N ASP A 23 -16.91 0.22 -16.68
CA ASP A 23 -15.57 -0.34 -16.61
C ASP A 23 -14.61 0.70 -17.16
N ALA A 24 -14.09 1.57 -16.30
CA ALA A 24 -13.32 2.71 -16.78
C ALA A 24 -11.98 2.32 -17.42
N PRO A 25 -11.23 1.40 -16.79
CA PRO A 25 -9.98 1.00 -17.45
C PRO A 25 -10.25 0.31 -18.80
N GLY A 26 -11.44 -0.27 -18.97
CA GLY A 26 -11.80 -0.96 -20.21
C GLY A 26 -12.29 -0.07 -21.36
N LEU A 27 -12.38 1.24 -21.14
CA LEU A 27 -12.79 2.16 -22.19
C LEU A 27 -11.72 2.30 -23.27
N ASN A 28 -12.15 2.90 -24.39
CA ASN A 28 -11.27 3.25 -25.49
C ASN A 28 -10.34 4.40 -25.10
N TYR A 29 -9.04 4.22 -25.30
CA TYR A 29 -8.09 5.31 -25.13
C TYR A 29 -7.37 5.56 -26.43
N LYS A 30 -6.92 6.79 -26.66
CA LYS A 30 -6.15 7.06 -27.86
C LYS A 30 -4.79 6.36 -27.78
N ALA A 31 -4.18 6.08 -28.93
CA ALA A 31 -2.90 5.40 -28.96
C ALA A 31 -1.90 6.04 -27.99
N GLY A 32 -1.27 5.23 -27.15
CA GLY A 32 -0.31 5.74 -26.16
C GLY A 32 -0.94 6.22 -24.86
N ASP A 33 -2.27 6.16 -24.78
CA ASP A 33 -2.93 6.65 -23.56
C ASP A 33 -3.62 5.50 -22.85
N SER A 34 -3.96 5.72 -21.59
CA SER A 34 -4.66 4.71 -20.81
C SER A 34 -5.21 5.32 -19.52
N PHE A 35 -5.90 4.47 -18.77
CA PHE A 35 -6.63 4.85 -17.57
C PHE A 35 -5.71 5.40 -16.49
N LYS A 36 -6.20 6.45 -15.80
CA LYS A 36 -5.49 7.01 -14.66
C LYS A 36 -6.34 6.98 -13.39
N ALA A 37 -7.59 7.44 -13.48
CA ALA A 37 -8.46 7.53 -12.32
C ALA A 37 -9.89 7.76 -12.74
N ALA A 38 -10.81 7.40 -11.83
CA ALA A 38 -12.22 7.69 -12.02
C ALA A 38 -12.82 8.18 -10.72
N VAL A 39 -13.77 9.11 -10.84
CA VAL A 39 -14.58 9.55 -9.68
C VAL A 39 -16.04 9.48 -10.04
N LYS A 40 -16.91 9.46 -9.04
CA LYS A 40 -18.35 9.35 -9.33
C LYS A 40 -19.13 10.43 -8.61
N GLY A 41 -20.29 10.76 -9.15
CA GLY A 41 -21.12 11.78 -8.56
C GLY A 41 -22.36 11.95 -9.39
N LYS A 42 -22.91 13.15 -9.35
CA LYS A 42 -24.13 13.47 -10.11
C LYS A 42 -23.82 14.50 -11.16
N SER A 43 -24.64 14.52 -12.22
CA SER A 43 -24.37 15.37 -13.37
C SER A 43 -24.51 16.85 -13.04
N ASN A 44 -25.21 17.15 -11.93
CA ASN A 44 -25.38 18.53 -11.47
C ASN A 44 -24.45 18.94 -10.33
N GLN A 45 -23.30 18.27 -10.22
CA GLN A 45 -22.30 18.65 -9.23
C GLN A 45 -20.98 18.81 -10.01
N PRO A 46 -20.11 19.72 -9.58
CA PRO A 46 -18.87 19.89 -10.36
C PRO A 46 -17.85 18.75 -10.11
N VAL A 47 -17.00 18.51 -11.11
CA VAL A 47 -15.79 17.73 -10.90
C VAL A 47 -14.60 18.67 -10.81
N VAL A 48 -13.71 18.39 -9.86
CA VAL A 48 -12.59 19.29 -9.56
C VAL A 48 -11.27 18.58 -9.91
N PHE A 49 -10.32 19.36 -10.41
CA PHE A 49 -8.97 18.91 -10.75
C PHE A 49 -7.99 19.77 -9.98
N VAL A 50 -6.93 19.15 -9.49
CA VAL A 50 -5.84 19.91 -8.88
C VAL A 50 -4.55 19.69 -9.72
N ASP A 51 -3.90 20.78 -10.11
CA ASP A 51 -2.66 20.65 -10.90
C ASP A 51 -1.41 20.60 -10.05
N SER A 52 -0.27 20.33 -10.72
CA SER A 52 1.01 20.14 -10.04
C SER A 52 1.56 21.39 -9.36
N THR A 53 0.96 22.55 -9.64
CA THR A 53 1.35 23.83 -9.05
C THR A 53 0.47 24.25 -7.88
N GLY A 54 -0.51 23.42 -7.57
CA GLY A 54 -1.41 23.68 -6.43
C GLY A 54 -2.66 24.48 -6.78
N ARG A 55 -2.93 24.61 -8.07
CA ARG A 55 -4.18 25.28 -8.51
C ARG A 55 -5.32 24.28 -8.61
N SER A 56 -6.55 24.71 -8.33
CA SER A 56 -7.74 23.87 -8.50
C SER A 56 -8.71 24.46 -9.53
N TYR A 57 -9.48 23.58 -10.18
CA TYR A 57 -10.34 23.95 -11.29
C TYR A 57 -11.59 23.12 -11.19
N ALA A 58 -12.76 23.72 -11.48
CA ALA A 58 -13.98 22.94 -11.56
C ALA A 58 -14.55 22.92 -12.97
N ILE A 59 -15.10 21.79 -13.36
CA ILE A 59 -15.73 21.63 -14.68
C ILE A 59 -17.13 21.02 -14.46
N ASP A 60 -18.10 21.49 -15.24
CA ASP A 60 -19.46 20.95 -15.21
C ASP A 60 -19.50 19.67 -16.07
N PRO A 61 -19.87 18.52 -15.49
CA PRO A 61 -19.89 17.28 -16.27
C PRO A 61 -20.71 17.36 -17.57
N ILE A 62 -21.71 18.24 -17.65
CA ILE A 62 -22.55 18.29 -18.87
C ILE A 62 -21.78 18.77 -20.10
N THR A 63 -20.61 19.38 -19.86
CA THR A 63 -19.77 19.91 -20.94
C THR A 63 -18.75 18.86 -21.42
N LEU A 64 -18.73 17.68 -20.81
CA LEU A 64 -17.75 16.66 -21.15
C LEU A 64 -18.33 15.62 -22.11
N PRO A 65 -17.48 15.00 -22.95
CA PRO A 65 -17.94 13.95 -23.87
C PRO A 65 -18.31 12.66 -23.13
N SER A 66 -19.11 11.80 -23.77
CA SER A 66 -19.55 10.56 -23.12
C SER A 66 -18.50 9.45 -23.16
N ALA A 67 -18.88 8.27 -22.67
CA ALA A 67 -17.96 7.12 -22.57
C ALA A 67 -17.40 6.70 -23.90
N ARG A 68 -18.24 6.79 -24.94
CA ARG A 68 -17.83 6.51 -26.31
C ARG A 68 -16.91 7.61 -26.82
N GLY A 69 -15.87 7.20 -27.53
CA GLY A 69 -14.86 8.15 -27.95
C GLY A 69 -13.70 8.02 -27.00
N GLN A 70 -12.76 8.96 -27.08
CA GLN A 70 -11.49 8.82 -26.39
C GLN A 70 -11.32 9.98 -25.39
N GLY A 71 -12.43 10.68 -25.15
CA GLY A 71 -12.43 11.84 -24.28
C GLY A 71 -11.98 13.09 -25.00
N GLU A 72 -11.69 14.12 -24.21
CA GLU A 72 -11.18 15.38 -24.75
C GLU A 72 -10.10 15.92 -23.79
N PRO A 73 -9.07 16.61 -24.33
CA PRO A 73 -7.96 17.04 -23.48
C PRO A 73 -8.35 18.10 -22.45
N LEU A 74 -7.89 17.95 -21.21
CA LEU A 74 -8.09 19.02 -20.22
C LEU A 74 -7.48 20.36 -20.61
N THR A 75 -6.42 20.33 -21.42
CA THR A 75 -5.84 21.61 -21.89
C THR A 75 -6.82 22.42 -22.73
N GLY A 76 -7.85 21.77 -23.29
CA GLY A 76 -8.90 22.47 -24.03
C GLY A 76 -9.93 23.12 -23.13
N LYS A 77 -9.87 22.81 -21.84
CA LYS A 77 -10.86 23.29 -20.89
C LYS A 77 -10.26 24.12 -19.77
N LEU A 78 -8.97 23.92 -19.50
CA LEU A 78 -8.28 24.58 -18.38
C LEU A 78 -7.03 25.26 -18.85
N THR A 79 -6.74 26.41 -18.23
CA THR A 79 -5.53 27.17 -18.53
C THR A 79 -4.49 26.75 -17.52
N LEU A 80 -3.66 25.78 -17.89
CA LEU A 80 -2.64 25.28 -16.99
C LEU A 80 -1.37 26.13 -17.09
N PRO A 81 -0.68 26.33 -15.95
CA PRO A 81 0.63 26.98 -15.98
C PRO A 81 1.61 26.23 -16.87
N PRO A 82 2.62 26.92 -17.41
CA PRO A 82 3.65 26.24 -18.20
C PRO A 82 4.21 24.98 -17.51
N GLY A 83 4.11 23.84 -18.17
CA GLY A 83 4.71 22.59 -17.66
C GLY A 83 3.92 21.85 -16.59
N ALA A 84 2.79 22.43 -16.19
CA ALA A 84 1.96 21.84 -15.14
C ALA A 84 1.19 20.67 -15.70
N THR A 85 0.91 19.69 -14.84
CA THR A 85 0.10 18.53 -15.19
C THR A 85 -1.10 18.47 -14.25
N VAL A 86 -2.15 17.78 -14.67
CA VAL A 86 -3.31 17.52 -13.81
C VAL A 86 -3.11 16.22 -13.06
N ASP A 87 -2.97 16.32 -11.74
CA ASP A 87 -2.55 15.18 -10.96
C ASP A 87 -3.63 14.52 -10.12
N HIS A 88 -4.67 15.30 -9.80
CA HIS A 88 -5.67 14.85 -8.86
C HIS A 88 -7.07 15.26 -9.32
N MET A 89 -8.03 14.37 -9.09
CA MET A 89 -9.42 14.58 -9.48
C MET A 89 -10.34 14.21 -8.31
N LEU A 90 -11.32 15.06 -8.02
CA LEU A 90 -12.24 14.83 -6.90
C LEU A 90 -13.66 15.16 -7.30
N MET A 91 -14.61 14.44 -6.72
CA MET A 91 -16.01 14.76 -6.86
C MET A 91 -16.66 14.37 -5.53
N GLU A 92 -17.05 15.37 -4.76
CA GLU A 92 -17.57 15.19 -3.39
C GLU A 92 -18.70 16.18 -3.13
N SER A 93 -19.34 16.04 -1.98
CA SER A 93 -20.39 16.98 -1.59
C SER A 93 -19.73 18.33 -1.29
N ASP A 94 -20.49 19.42 -1.42
CA ASP A 94 -19.93 20.76 -1.26
C ASP A 94 -19.23 20.92 0.08
N ASP A 95 -19.80 20.33 1.13
CA ASP A 95 -19.33 20.55 2.48
C ASP A 95 -18.27 19.56 2.94
N GLN A 96 -17.88 18.62 2.05
CA GLN A 96 -16.96 17.53 2.41
C GLN A 96 -15.60 18.09 2.83
N LYS A 97 -15.16 17.72 4.03
CA LYS A 97 -13.82 18.16 4.46
C LYS A 97 -12.69 17.40 3.76
N LEU A 98 -11.61 18.13 3.46
CA LEU A 98 -10.46 17.58 2.75
C LEU A 98 -9.21 18.07 3.43
N LEU A 99 -8.15 17.27 3.33
CA LEU A 99 -6.83 17.72 3.79
C LEU A 99 -5.98 18.08 2.57
N MET A 100 -5.51 19.32 2.52
CA MET A 100 -4.62 19.80 1.46
C MET A 100 -3.25 20.02 2.05
N ALA A 101 -2.20 19.67 1.32
CA ALA A 101 -0.85 19.80 1.87
C ALA A 101 0.21 19.81 0.78
N SER A 102 1.38 20.33 1.14
CA SER A 102 2.54 20.26 0.26
C SER A 102 3.62 19.37 0.89
N ASP A 103 4.56 18.92 0.08
CA ASP A 103 5.61 18.04 0.62
C ASP A 103 6.67 18.83 1.40
N ALA A 104 6.51 20.14 1.50
CA ALA A 104 7.31 20.90 2.46
C ALA A 104 6.81 20.72 3.91
N GLY A 105 5.65 20.08 4.07
CA GLY A 105 5.11 19.77 5.40
C GLY A 105 4.13 20.80 5.94
N TYR A 106 3.55 21.58 5.04
CA TYR A 106 2.52 22.56 5.39
C TYR A 106 1.19 22.17 4.77
N GLY A 107 0.08 22.51 5.43
CA GLY A 107 -1.22 22.27 4.82
C GLY A 107 -2.39 22.77 5.63
N PHE A 108 -3.58 22.38 5.22
CA PHE A 108 -4.78 22.89 5.89
C PHE A 108 -5.95 22.02 5.63
N VAL A 109 -6.96 22.14 6.49
CA VAL A 109 -8.24 21.48 6.22
C VAL A 109 -9.10 22.49 5.46
N CYS A 110 -9.84 22.02 4.45
CA CYS A 110 -10.81 22.88 3.75
C CYS A 110 -12.02 22.05 3.38
N THR A 111 -12.97 22.65 2.67
CA THR A 111 -14.09 21.88 2.11
C THR A 111 -13.95 21.79 0.59
N PHE A 112 -14.68 20.86 -0.01
CA PHE A 112 -14.68 20.69 -1.48
C PHE A 112 -15.06 22.01 -2.17
N ASN A 113 -16.01 22.73 -1.58
CA ASN A 113 -16.44 24.01 -2.14
C ASN A 113 -15.27 24.97 -2.36
N ASP A 114 -14.26 24.93 -1.47
CA ASP A 114 -13.10 25.80 -1.57
C ASP A 114 -12.26 25.51 -2.80
N LEU A 115 -12.41 24.30 -3.34
CA LEU A 115 -11.67 23.94 -4.57
C LEU A 115 -12.42 24.36 -5.83
N VAL A 116 -13.69 24.70 -5.72
CA VAL A 116 -14.52 24.89 -6.91
C VAL A 116 -14.25 26.25 -7.54
N ALA A 117 -13.54 26.25 -8.65
CA ALA A 117 -13.21 27.49 -9.36
C ALA A 117 -13.58 27.28 -10.82
N ARG A 118 -14.66 27.93 -11.26
CA ARG A 118 -15.24 27.63 -12.57
C ARG A 118 -14.58 28.41 -13.72
N ASN A 119 -13.73 29.37 -13.38
CA ASN A 119 -12.98 30.14 -14.38
C ASN A 119 -11.87 29.30 -14.94
N ARG A 120 -11.44 29.63 -16.16
CA ARG A 120 -10.56 28.76 -16.92
C ARG A 120 -9.20 28.58 -16.26
N ALA A 121 -8.70 29.64 -15.61
CA ALA A 121 -7.40 29.58 -14.95
C ALA A 121 -7.49 28.99 -13.56
N GLY A 122 -8.70 28.64 -13.11
CA GLY A 122 -8.92 28.11 -11.75
C GLY A 122 -8.47 29.05 -10.64
N LYS A 123 -8.10 28.45 -9.50
CA LYS A 123 -7.77 29.17 -8.27
C LYS A 123 -6.44 28.72 -7.71
N ALA A 124 -5.64 29.67 -7.19
CA ALA A 124 -4.44 29.32 -6.43
C ALA A 124 -4.90 28.77 -5.09
N LEU A 125 -4.82 27.47 -4.90
CA LEU A 125 -5.42 26.86 -3.71
C LEU A 125 -4.37 26.62 -2.63
N ILE A 126 -3.27 25.97 -3.02
CA ILE A 126 -2.18 25.76 -2.07
C ILE A 126 -0.88 26.33 -2.61
N THR A 127 -0.24 27.15 -1.79
CA THR A 127 0.99 27.79 -2.18
C THR A 127 2.16 26.85 -1.89
N LEU A 128 2.96 26.57 -2.91
CA LEU A 128 4.08 25.67 -2.77
C LEU A 128 5.38 26.44 -2.56
N PRO A 129 6.11 26.10 -1.48
CA PRO A 129 7.49 26.56 -1.31
C PRO A 129 8.39 26.14 -2.45
N GLU A 130 9.61 26.71 -2.50
CA GLU A 130 10.53 26.46 -3.58
C GLU A 130 10.75 24.96 -3.78
N ASN A 131 10.48 24.49 -5.01
CA ASN A 131 10.68 23.09 -5.39
C ASN A 131 9.77 22.10 -4.68
N ALA A 132 8.71 22.60 -4.07
CA ALA A 132 7.78 21.71 -3.39
C ALA A 132 6.73 21.18 -4.35
N HIS A 133 6.05 20.12 -3.92
CA HIS A 133 4.99 19.47 -4.70
C HIS A 133 3.75 19.33 -3.87
N VAL A 134 2.63 19.16 -4.56
CA VAL A 134 1.34 18.96 -3.89
C VAL A 134 1.23 17.51 -3.40
N MET A 135 0.72 17.29 -2.18
CA MET A 135 0.44 15.95 -1.70
C MET A 135 -0.90 15.49 -2.29
N PRO A 136 -1.11 14.18 -2.40
CA PRO A 136 -2.45 13.75 -2.81
C PRO A 136 -3.52 14.22 -1.80
N PRO A 137 -4.55 14.97 -2.23
CA PRO A 137 -5.61 15.41 -1.28
C PRO A 137 -6.23 14.24 -0.59
N VAL A 138 -6.60 14.38 0.68
CA VAL A 138 -7.20 13.30 1.43
C VAL A 138 -8.58 13.73 1.86
N VAL A 139 -9.56 12.90 1.51
CA VAL A 139 -10.94 13.13 1.96
C VAL A 139 -11.01 12.74 3.44
N ILE A 140 -11.50 13.67 4.26
CA ILE A 140 -11.56 13.41 5.70
C ILE A 140 -12.95 12.83 6.02
N GLU A 141 -12.98 11.55 6.39
CA GLU A 141 -14.25 10.82 6.56
C GLU A 141 -14.91 11.13 7.89
N ASP A 142 -14.10 11.29 8.94
CA ASP A 142 -14.57 11.63 10.28
C ASP A 142 -13.67 12.69 10.94
N ALA A 143 -14.31 13.68 11.55
CA ALA A 143 -13.59 14.79 12.18
C ALA A 143 -12.61 14.35 13.28
N SER A 144 -12.84 13.16 13.86
CA SER A 144 -11.99 12.64 14.95
C SER A 144 -10.85 11.74 14.44
N ASP A 145 -10.73 11.62 13.13
CA ASP A 145 -9.66 10.80 12.54
C ASP A 145 -8.28 11.38 12.88
N MET A 146 -7.24 10.54 12.74
CA MET A 146 -5.86 10.94 13.02
C MET A 146 -5.14 11.24 11.71
N LEU A 147 -4.34 12.29 11.72
CA LEU A 147 -3.43 12.59 10.60
C LEU A 147 -2.13 11.88 10.90
N LEU A 148 -1.57 11.21 9.89
CA LEU A 148 -0.31 10.50 10.05
C LEU A 148 0.61 10.97 8.94
N ALA A 149 1.75 11.51 9.33
CA ALA A 149 2.72 12.02 8.36
C ALA A 149 3.98 11.21 8.48
N ILE A 150 4.58 10.89 7.32
CA ILE A 150 5.85 10.17 7.28
C ILE A 150 6.78 10.94 6.36
N THR A 151 7.97 11.29 6.84
CA THR A 151 8.92 12.06 6.01
C THR A 151 9.85 11.18 5.17
N GLN A 152 10.52 11.82 4.20
CA GLN A 152 11.47 11.15 3.33
C GLN A 152 12.63 10.59 4.15
N ALA A 153 12.97 11.27 5.26
CA ALA A 153 14.06 10.83 6.13
C ALA A 153 13.64 9.65 7.00
N GLY A 154 12.34 9.43 7.12
CA GLY A 154 11.79 8.31 7.88
C GLY A 154 11.24 8.68 9.24
N ARG A 155 10.84 9.93 9.43
CA ARG A 155 10.21 10.32 10.70
C ARG A 155 8.71 10.24 10.58
N MET A 156 8.06 9.84 11.67
CA MET A 156 6.60 9.67 11.73
C MET A 156 6.00 10.54 12.82
N LEU A 157 4.89 11.19 12.51
CA LEU A 157 4.15 11.98 13.51
C LEU A 157 2.68 11.75 13.33
N MET A 158 1.96 11.54 14.42
CA MET A 158 0.50 11.37 14.35
C MET A 158 -0.17 12.34 15.32
N PHE A 159 -1.25 13.00 14.89
CA PHE A 159 -2.05 13.85 15.79
C PHE A 159 -3.45 13.96 15.21
N PRO A 160 -4.45 14.33 16.03
CA PRO A 160 -5.82 14.40 15.51
C PRO A 160 -5.92 15.42 14.37
N VAL A 161 -6.58 15.06 13.28
CA VAL A 161 -6.65 15.98 12.13
C VAL A 161 -7.35 17.33 12.48
N SER A 162 -8.23 17.31 13.50
CA SER A 162 -8.86 18.54 14.03
C SER A 162 -7.84 19.58 14.53
N ASP A 163 -6.63 19.15 14.84
CA ASP A 163 -5.55 20.05 15.27
C ASP A 163 -5.04 20.97 14.16
N LEU A 164 -5.28 20.59 12.91
CA LEU A 164 -4.83 21.38 11.80
C LEU A 164 -5.88 22.44 11.41
N PRO A 165 -5.51 23.73 11.49
CA PRO A 165 -6.48 24.79 11.21
C PRO A 165 -7.11 24.70 9.83
N GLN A 166 -8.38 25.06 9.77
CA GLN A 166 -9.12 25.14 8.51
C GLN A 166 -8.84 26.47 7.80
N LEU A 167 -8.56 26.40 6.50
CA LEU A 167 -8.34 27.57 5.65
C LEU A 167 -9.06 27.37 4.32
N SER A 168 -9.21 28.43 3.54
CA SER A 168 -9.83 28.31 2.21
C SER A 168 -8.77 28.27 1.13
N LYS A 169 -7.54 28.66 1.50
CA LYS A 169 -6.40 28.63 0.60
C LYS A 169 -5.14 29.05 1.36
N GLY A 170 -4.00 28.97 0.69
CA GLY A 170 -2.72 29.52 1.21
C GLY A 170 -1.63 28.48 1.30
N LYS A 171 -0.53 28.85 1.93
CA LYS A 171 0.55 27.89 2.20
C LYS A 171 0.09 26.83 3.18
N GLY A 172 -0.78 27.22 4.11
CA GLY A 172 -1.14 26.37 5.23
C GLY A 172 -0.23 26.53 6.43
N ASN A 173 -0.54 25.77 7.47
CA ASN A 173 0.26 25.79 8.69
C ASN A 173 1.09 24.52 8.78
N LYS A 174 2.13 24.53 9.61
CA LYS A 174 3.03 23.39 9.71
C LYS A 174 2.31 22.14 10.23
N ILE A 175 2.46 21.05 9.49
CA ILE A 175 2.00 19.71 9.88
C ILE A 175 3.12 19.00 10.63
N ILE A 176 4.30 18.96 10.01
CA ILE A 176 5.46 18.29 10.57
C ILE A 176 6.68 19.16 10.25
N ASN A 177 7.63 19.26 11.18
CA ASN A 177 8.76 20.15 10.95
C ASN A 177 9.79 19.54 10.02
N ILE A 178 9.94 20.15 8.86
CA ILE A 178 11.01 19.81 7.92
C ILE A 178 11.71 21.15 7.61
N PRO A 179 13.01 21.23 7.92
CA PRO A 179 13.73 22.48 7.70
C PRO A 179 13.57 22.93 6.24
N SER A 180 13.24 24.21 6.06
CA SER A 180 12.81 24.68 4.75
C SER A 180 13.89 24.62 3.69
N ALA A 181 15.12 24.96 4.08
CA ALA A 181 16.23 24.88 3.12
C ALA A 181 16.49 23.43 2.69
N GLU A 182 16.38 22.51 3.63
CA GLU A 182 16.54 21.10 3.33
C GLU A 182 15.45 20.58 2.36
N ALA A 183 14.21 21.01 2.60
CA ALA A 183 13.10 20.65 1.73
C ALA A 183 13.29 21.24 0.33
N ALA A 184 13.75 22.48 0.24
CA ALA A 184 13.94 23.12 -1.05
C ALA A 184 15.05 22.42 -1.85
N ARG A 185 16.00 21.80 -1.14
CA ARG A 185 17.09 21.03 -1.77
C ARG A 185 16.66 19.59 -2.14
N GLY A 186 15.46 19.20 -1.73
CA GLY A 186 14.99 17.84 -1.97
C GLY A 186 15.63 16.81 -1.07
N GLU A 187 16.24 17.27 0.04
CA GLU A 187 16.95 16.40 0.97
C GLU A 187 16.06 15.80 2.06
N ASP A 188 14.87 16.36 2.20
CA ASP A 188 13.85 15.80 3.05
C ASP A 188 12.52 16.35 2.58
N GLY A 189 11.43 15.84 3.13
CA GLY A 189 10.12 16.27 2.63
C GLY A 189 9.07 15.33 3.18
N LEU A 190 7.80 15.70 3.00
CA LEU A 190 6.71 14.86 3.47
C LEU A 190 6.47 13.82 2.37
N ALA A 191 6.73 12.54 2.69
CA ALA A 191 6.64 11.40 1.75
C ALA A 191 5.27 10.79 1.66
N GLN A 192 4.60 10.65 2.81
CA GLN A 192 3.26 10.07 2.85
C GLN A 192 2.44 10.86 3.84
N LEU A 193 1.15 11.00 3.55
CA LEU A 193 0.26 11.71 4.47
C LEU A 193 -1.10 11.07 4.42
N TYR A 194 -1.56 10.60 5.57
CA TYR A 194 -2.85 9.88 5.65
C TYR A 194 -3.78 10.48 6.67
N VAL A 195 -5.08 10.17 6.56
CA VAL A 195 -6.02 10.47 7.62
C VAL A 195 -6.68 9.13 7.90
N LEU A 196 -6.52 8.68 9.14
CA LEU A 196 -6.88 7.32 9.53
C LEU A 196 -7.80 7.38 10.72
N PRO A 197 -8.73 6.44 10.80
CA PRO A 197 -9.40 6.20 12.08
C PRO A 197 -8.35 5.87 13.14
N GLN A 199 -8.33 3.24 15.18
CA GLN A 199 -7.83 1.89 15.45
C GLN A 199 -7.20 1.24 14.21
N SER A 200 -6.61 2.06 13.35
CA SER A 200 -5.94 1.54 12.16
C SER A 200 -4.60 0.85 12.42
N THR A 201 -4.25 -0.07 11.52
CA THR A 201 -2.94 -0.73 11.48
C THR A 201 -2.34 -0.40 10.13
N LEU A 202 -1.03 -0.08 10.13
CA LEU A 202 -0.25 0.16 8.91
C LEU A 202 0.85 -0.88 8.82
N THR A 203 0.97 -1.49 7.64
CA THR A 203 2.07 -2.38 7.38
C THR A 203 2.87 -1.72 6.27
N ILE A 204 4.15 -1.50 6.52
CA ILE A 204 4.99 -0.72 5.61
C ILE A 204 6.14 -1.59 5.16
N HIS A 205 6.40 -1.64 3.85
CA HIS A 205 7.50 -2.42 3.34
C HIS A 205 8.51 -1.54 2.65
N VAL A 206 9.78 -1.87 2.82
CA VAL A 206 10.86 -1.29 2.04
C VAL A 206 11.63 -2.51 1.55
N GLY A 207 11.48 -2.84 0.27
CA GLY A 207 12.03 -4.10 -0.24
C GLY A 207 11.53 -5.27 0.60
N LYS A 208 12.46 -6.11 1.04
CA LYS A 208 12.13 -7.30 1.83
C LYS A 208 12.14 -7.06 3.35
N ARG A 209 12.08 -5.79 3.75
CA ARG A 209 11.96 -5.39 5.17
C ARG A 209 10.52 -4.98 5.37
N LYS A 210 9.94 -5.32 6.52
CA LYS A 210 8.53 -5.12 6.81
C LYS A 210 8.39 -4.58 8.23
N ILE A 211 7.57 -3.55 8.44
CA ILE A 211 7.17 -3.21 9.81
C ILE A 211 5.67 -3.11 9.91
N LYS A 212 5.13 -3.60 11.01
CA LYS A 212 3.71 -3.58 11.26
C LYS A 212 3.46 -2.67 12.46
N LEU A 213 2.62 -1.65 12.26
CA LEU A 213 2.34 -0.68 13.30
C LEU A 213 0.87 -0.77 13.64
N ARG A 214 0.56 -1.46 14.73
CA ARG A 214 -0.82 -1.48 15.21
C ARG A 214 -1.09 -0.19 15.99
N PRO A 215 -2.34 0.02 16.43
CA PRO A 215 -2.65 1.20 17.25
C PRO A 215 -1.64 1.41 18.40
N GLU A 216 -1.25 0.32 19.05
CA GLU A 216 -0.24 0.37 20.13
C GLU A 216 1.05 1.05 19.68
N GLU A 217 1.58 0.64 18.53
CA GLU A 217 2.79 1.26 17.99
C GLU A 217 2.55 2.72 17.54
N LEU A 218 1.39 2.99 16.95
CA LEU A 218 1.13 4.36 16.47
C LEU A 218 0.97 5.36 17.61
N GLN A 219 0.51 4.89 18.78
CA GLN A 219 0.47 5.76 19.97
C GLN A 219 1.87 6.33 20.27
N LYS A 220 2.90 5.53 19.97
CA LYS A 220 4.30 5.90 20.23
C LYS A 220 4.83 7.01 19.33
N VAL A 221 4.20 7.24 18.17
CA VAL A 221 4.62 8.33 17.30
C VAL A 221 3.63 9.49 17.36
N THR A 222 2.68 9.43 18.28
CA THR A 222 1.74 10.54 18.47
C THR A 222 2.49 11.71 19.12
N GLY A 223 2.21 12.93 18.68
CA GLY A 223 2.91 14.09 19.20
C GLY A 223 2.20 15.36 18.79
N GLU A 224 2.79 16.49 19.14
CA GLU A 224 2.16 17.76 18.82
C GLU A 224 2.38 18.08 17.35
N ARG A 225 1.36 18.62 16.70
CA ARG A 225 1.49 19.14 15.35
C ARG A 225 2.69 20.08 15.25
N GLY A 226 3.48 19.91 14.19
CA GLY A 226 4.62 20.78 13.94
C GLY A 226 5.94 20.33 14.53
N ARG A 227 5.90 19.25 15.33
CA ARG A 227 7.09 18.59 15.82
C ARG A 227 7.76 17.86 14.64
N ARG A 228 9.00 17.41 14.82
CA ARG A 228 9.73 16.85 13.69
C ARG A 228 9.39 15.37 13.48
N GLY A 229 8.77 14.75 14.47
CA GLY A 229 8.40 13.32 14.38
C GLY A 229 9.51 12.38 14.82
N THR A 230 9.19 11.08 14.88
CA THR A 230 10.04 10.05 15.46
C THR A 230 10.75 9.28 14.35
N LEU A 231 12.09 9.25 14.39
CA LEU A 231 12.84 8.56 13.36
C LEU A 231 12.75 7.03 13.48
N MET A 232 12.40 6.37 12.38
CA MET A 232 12.42 4.90 12.31
C MET A 232 13.57 4.51 11.38
N ARG A 233 14.59 3.83 11.93
CA ARG A 233 15.73 3.42 11.11
C ARG A 233 15.30 2.59 9.93
N GLY A 234 15.80 2.95 8.75
CA GLY A 234 15.53 2.19 7.54
C GLY A 234 14.19 2.49 6.88
N LEU A 235 13.40 3.40 7.45
CA LEU A 235 12.10 3.74 6.85
C LEU A 235 12.22 4.82 5.76
N GLN A 236 12.95 4.50 4.70
CA GLN A 236 13.17 5.38 3.57
C GLN A 236 12.90 4.58 2.31
N ARG A 237 12.39 5.26 1.26
CA ARG A 237 12.03 4.64 -0.03
C ARG A 237 10.99 3.54 0.20
N ILE A 238 9.98 3.90 0.98
CA ILE A 238 8.85 2.97 1.17
C ILE A 238 8.27 2.54 -0.18
N ASP A 239 8.05 1.24 -0.37
CA ASP A 239 7.44 0.81 -1.62
C ASP A 239 6.11 0.08 -1.49
N ARG A 240 5.68 -0.24 -0.27
CA ARG A 240 4.32 -0.79 -0.12
C ARG A 240 3.77 -0.35 1.22
N VAL A 241 2.51 0.10 1.24
CA VAL A 241 1.84 0.42 2.48
C VAL A 241 0.45 -0.21 2.42
N GLU A 242 0.06 -0.90 3.48
CA GLU A 242 -1.29 -1.46 3.57
C GLU A 242 -1.92 -0.91 4.83
N ILE A 243 -3.05 -0.23 4.70
CA ILE A 243 -3.73 0.38 5.83
C ILE A 243 -5.03 -0.38 6.06
N ASP A 244 -5.16 -0.96 7.26
CA ASP A 244 -6.40 -1.65 7.64
C ASP A 244 -7.10 -0.76 8.66
N SER A 245 -8.29 -0.25 8.30
CA SER A 245 -8.92 0.84 9.06
C SER A 245 -10.38 0.57 9.40
N PRO A 246 -10.65 0.19 10.66
CA PRO A 246 -12.00 -0.07 11.15
C PRO A 246 -12.78 1.24 11.32
N SER B 1 4.97 -17.40 29.90
CA SER B 1 4.01 -16.90 28.86
C SER B 1 4.12 -15.38 28.68
N GLU B 2 5.25 -14.82 29.10
CA GLU B 2 5.47 -13.39 29.03
C GLU B 2 5.45 -12.88 27.58
N PRO B 3 5.11 -11.58 27.37
CA PRO B 3 5.10 -11.03 26.01
C PRO B 3 6.52 -10.92 25.45
N VAL B 4 6.69 -11.32 24.20
CA VAL B 4 8.00 -11.21 23.55
C VAL B 4 7.85 -10.63 22.16
N THR B 5 8.94 -10.01 21.70
CA THR B 5 9.09 -9.61 20.32
C THR B 5 10.28 -10.38 19.74
N ILE B 6 10.03 -11.10 18.65
CA ILE B 6 11.10 -11.85 17.99
C ILE B 6 11.58 -11.03 16.82
N VAL B 7 12.90 -10.84 16.74
CA VAL B 7 13.49 -10.00 15.71
C VAL B 7 14.39 -10.84 14.81
N LEU B 8 14.15 -10.74 13.51
CA LEU B 8 14.94 -11.41 12.50
C LEU B 8 15.73 -10.37 11.72
N SER B 9 17.01 -10.66 11.51
CA SER B 9 17.91 -9.78 10.77
C SER B 9 18.03 -10.19 9.30
N GLN B 10 18.55 -9.27 8.49
CA GLN B 10 18.79 -9.54 7.07
C GLN B 10 19.67 -10.76 6.82
N MET B 11 20.64 -10.97 7.70
CA MET B 11 21.55 -12.09 7.54
C MET B 11 21.11 -13.35 8.32
N GLY B 12 19.87 -13.33 8.80
CA GLY B 12 19.27 -14.54 9.39
C GLY B 12 19.60 -14.78 10.85
N TRP B 13 19.92 -13.72 11.59
CA TRP B 13 20.14 -13.84 13.04
C TRP B 13 18.86 -13.46 13.79
N VAL B 14 18.61 -14.16 14.90
CA VAL B 14 17.38 -14.01 15.65
C VAL B 14 17.67 -13.68 17.12
N ARG B 15 16.76 -12.94 17.74
CA ARG B 15 16.79 -12.67 19.16
C ARG B 15 15.40 -12.43 19.66
N SER B 16 15.23 -12.55 20.97
CA SER B 16 13.97 -12.34 21.64
C SER B 16 14.11 -11.17 22.59
N ALA B 17 13.18 -10.24 22.48
CA ALA B 17 13.12 -9.07 23.35
C ALA B 17 11.91 -9.23 24.25
N LYS B 18 12.06 -8.87 25.52
CA LYS B 18 10.93 -8.94 26.46
C LYS B 18 9.96 -7.79 26.15
N GLY B 19 8.67 -8.10 26.13
CA GLY B 19 7.63 -7.10 25.89
C GLY B 19 7.36 -6.79 24.43
N HIS B 20 6.36 -5.93 24.21
CA HIS B 20 5.94 -5.51 22.88
C HIS B 20 6.35 -4.05 22.58
N ASP B 21 7.12 -3.45 23.47
CA ASP B 21 7.49 -2.04 23.35
C ASP B 21 8.95 -1.87 22.89
N ILE B 22 9.34 -2.56 21.83
CA ILE B 22 10.72 -2.45 21.38
C ILE B 22 10.82 -1.78 20.02
N ASP B 23 11.97 -1.16 19.76
CA ASP B 23 12.25 -0.56 18.47
C ASP B 23 13.20 -1.47 17.73
N ALA B 24 12.66 -2.55 17.13
CA ALA B 24 13.49 -3.55 16.47
C ALA B 24 14.44 -3.01 15.40
N PRO B 25 13.94 -2.11 14.51
CA PRO B 25 14.86 -1.59 13.50
C PRO B 25 16.02 -0.82 14.11
N GLY B 26 15.79 -0.25 15.30
CA GLY B 26 16.78 0.56 16.00
C GLY B 26 17.74 -0.22 16.90
N LEU B 27 17.61 -1.54 16.92
CA LEU B 27 18.51 -2.35 17.74
C LEU B 27 19.91 -2.40 17.15
N ASN B 28 20.87 -2.91 17.92
CA ASN B 28 22.22 -3.07 17.39
C ASN B 28 22.32 -4.32 16.53
N TYR B 29 22.98 -4.19 15.38
CA TYR B 29 23.22 -5.31 14.47
C TYR B 29 24.70 -5.40 14.14
N LYS B 30 25.18 -6.61 13.87
CA LYS B 30 26.58 -6.82 13.49
C LYS B 30 26.90 -6.21 12.12
N ALA B 31 28.18 -6.00 11.85
CA ALA B 31 28.62 -5.34 10.62
C ALA B 31 28.05 -6.02 9.38
N GLY B 32 27.45 -5.20 8.52
CA GLY B 32 26.86 -5.68 7.26
C GLY B 32 25.45 -6.26 7.41
N ASP B 33 24.94 -6.23 8.64
CA ASP B 33 23.60 -6.78 8.93
C ASP B 33 22.66 -5.66 9.37
N SER B 34 21.36 -5.89 9.21
CA SER B 34 20.33 -4.96 9.66
C SER B 34 18.98 -5.65 9.88
N PHE B 35 18.01 -4.89 10.35
CA PHE B 35 16.65 -5.35 10.59
C PHE B 35 15.98 -5.92 9.34
N LYS B 36 15.24 -7.01 9.53
CA LYS B 36 14.39 -7.58 8.48
C LYS B 36 12.91 -7.62 8.87
N ALA B 37 12.60 -8.19 10.02
CA ALA B 37 11.21 -8.33 10.43
C ALA B 37 11.13 -8.59 11.92
N ALA B 38 9.98 -8.29 12.49
CA ALA B 38 9.69 -8.63 13.87
C ALA B 38 8.28 -9.18 13.96
N VAL B 39 8.05 -10.05 14.92
CA VAL B 39 6.71 -10.51 15.22
C VAL B 39 6.54 -10.42 16.73
N LYS B 40 5.29 -10.26 17.14
CA LYS B 40 4.99 -10.10 18.56
C LYS B 40 4.03 -11.18 18.99
N GLY B 41 4.21 -11.69 20.20
CA GLY B 41 3.32 -12.69 20.74
C GLY B 41 3.74 -13.06 22.15
N LYS B 42 3.45 -14.29 22.52
CA LYS B 42 3.75 -14.77 23.87
C LYS B 42 4.89 -15.80 23.87
N SER B 43 5.61 -15.89 24.97
CA SER B 43 6.69 -16.86 25.14
C SER B 43 6.24 -18.32 25.00
N ASN B 44 4.97 -18.58 25.22
CA ASN B 44 4.43 -19.93 25.20
C ASN B 44 3.73 -20.29 23.88
N GLN B 45 4.10 -19.61 22.80
CA GLN B 45 3.62 -19.96 21.47
C GLN B 45 4.85 -20.00 20.55
N PRO B 46 4.84 -20.92 19.57
CA PRO B 46 6.03 -21.04 18.72
C PRO B 46 6.17 -19.88 17.76
N VAL B 47 7.41 -19.62 17.38
CA VAL B 47 7.67 -18.74 16.25
C VAL B 47 8.05 -19.61 15.05
N VAL B 48 7.54 -19.22 13.87
CA VAL B 48 7.69 -20.03 12.69
C VAL B 48 8.50 -19.27 11.65
N PHE B 49 9.34 -20.00 10.92
CA PHE B 49 10.15 -19.47 9.85
C PHE B 49 9.87 -20.26 8.59
N VAL B 50 9.87 -19.57 7.44
CA VAL B 50 9.71 -20.25 6.17
C VAL B 50 10.96 -19.93 5.35
N ASP B 51 11.60 -20.95 4.77
CA ASP B 51 12.81 -20.70 3.98
C ASP B 51 12.51 -20.54 2.50
N SER B 52 13.57 -20.21 1.75
CA SER B 52 13.47 -19.93 0.31
C SER B 52 13.09 -21.13 -0.57
N THR B 53 13.11 -22.33 0.02
CA THR B 53 12.76 -23.55 -0.72
C THR B 53 11.36 -24.02 -0.36
N GLY B 54 10.69 -23.29 0.53
CA GLY B 54 9.30 -23.63 0.87
C GLY B 54 9.17 -24.56 2.07
N ARG B 55 10.26 -24.71 2.82
CA ARG B 55 10.22 -25.46 4.10
C ARG B 55 9.83 -24.56 5.25
N SER B 56 9.12 -25.10 6.24
CA SER B 56 8.81 -24.32 7.43
C SER B 56 9.36 -24.96 8.71
N TYR B 57 9.61 -24.12 9.71
CA TYR B 57 10.25 -24.55 10.95
C TYR B 57 9.61 -23.83 12.11
N ALA B 58 9.51 -24.49 13.24
CA ALA B 58 9.08 -23.80 14.46
C ALA B 58 10.18 -23.86 15.52
N ILE B 59 10.29 -22.78 16.28
CA ILE B 59 11.23 -22.65 17.39
C ILE B 59 10.48 -22.14 18.61
N ASP B 60 10.82 -22.66 19.79
CA ASP B 60 10.28 -22.18 21.06
C ASP B 60 11.01 -20.90 21.49
N PRO B 61 10.27 -19.78 21.67
CA PRO B 61 10.95 -18.54 22.05
C PRO B 61 11.86 -18.62 23.28
N ILE B 62 11.56 -19.54 24.20
CA ILE B 62 12.36 -19.67 25.41
C ILE B 62 13.84 -20.04 25.12
N THR B 63 14.10 -20.53 23.90
CA THR B 63 15.45 -21.00 23.52
C THR B 63 16.27 -19.92 22.83
N LEU B 64 15.67 -18.75 22.65
CA LEU B 64 16.30 -17.66 21.91
C LEU B 64 17.08 -16.73 22.81
N PRO B 65 18.13 -16.09 22.26
CA PRO B 65 18.94 -15.20 23.06
C PRO B 65 18.28 -13.83 23.24
N SER B 66 18.73 -13.12 24.26
CA SER B 66 18.22 -11.81 24.60
C SER B 66 18.52 -10.78 23.52
N ALA B 67 17.59 -9.86 23.31
CA ALA B 67 17.76 -8.77 22.36
C ALA B 67 18.75 -7.71 22.88
N ARG B 68 19.14 -7.87 24.15
CA ARG B 68 20.22 -7.08 24.75
C ARG B 68 21.58 -7.42 24.16
N GLY B 69 21.65 -8.54 23.44
CA GLY B 69 22.88 -8.94 22.74
C GLY B 69 22.71 -8.90 21.24
N GLN B 70 23.64 -9.53 20.52
CA GLN B 70 23.63 -9.50 19.06
C GLN B 70 22.67 -10.53 18.45
N GLY B 71 22.33 -11.55 19.24
CA GLY B 71 21.48 -12.63 18.76
C GLY B 71 22.30 -13.80 18.29
N GLU B 72 21.66 -14.71 17.56
CA GLU B 72 22.32 -15.92 17.14
C GLU B 72 21.80 -16.33 15.77
N PRO B 73 22.65 -16.98 14.96
CA PRO B 73 22.25 -17.36 13.60
C PRO B 73 21.27 -18.50 13.58
N LEU B 74 20.26 -18.38 12.71
CA LEU B 74 19.27 -19.44 12.54
C LEU B 74 19.87 -20.73 12.02
N THR B 75 21.00 -20.66 11.31
CA THR B 75 21.68 -21.89 10.87
C THR B 75 22.14 -22.72 12.07
N GLY B 76 22.24 -22.08 13.24
CA GLY B 76 22.57 -22.81 14.48
C GLY B 76 21.37 -23.50 15.10
N LYS B 77 20.19 -23.19 14.57
CA LYS B 77 18.95 -23.73 15.10
C LYS B 77 18.16 -24.59 14.11
N LEU B 78 18.39 -24.38 12.82
CA LEU B 78 17.61 -25.02 11.76
C LEU B 78 18.54 -25.67 10.76
N THR B 79 18.11 -26.82 10.22
CA THR B 79 18.88 -27.50 9.17
C THR B 79 18.37 -27.02 7.84
N LEU B 80 19.04 -26.01 7.29
CA LEU B 80 18.54 -25.36 6.06
C LEU B 80 19.14 -26.08 4.85
N PRO B 81 18.34 -26.22 3.77
CA PRO B 81 18.92 -26.78 2.54
C PRO B 81 20.11 -25.91 2.12
N PRO B 82 21.10 -26.52 1.44
CA PRO B 82 22.24 -25.71 1.01
C PRO B 82 21.80 -24.53 0.15
N GLY B 83 22.31 -23.34 0.45
CA GLY B 83 21.96 -22.13 -0.31
C GLY B 83 20.73 -21.39 0.17
N ALA B 84 19.86 -22.09 0.90
CA ALA B 84 18.58 -21.52 1.32
C ALA B 84 18.75 -20.36 2.32
N THR B 85 17.82 -19.41 2.27
CA THR B 85 17.77 -18.32 3.22
C THR B 85 16.45 -18.39 3.99
N VAL B 86 16.41 -17.75 5.16
CA VAL B 86 15.16 -17.67 5.92
C VAL B 86 14.47 -16.38 5.54
N ASP B 87 13.30 -16.48 4.89
CA ASP B 87 12.69 -15.34 4.25
C ASP B 87 11.50 -14.74 4.98
N HIS B 88 10.79 -15.56 5.76
CA HIS B 88 9.56 -15.15 6.39
C HIS B 88 9.46 -15.64 7.80
N MET B 89 8.80 -14.84 8.65
CA MET B 89 8.66 -15.15 10.08
C MET B 89 7.21 -14.88 10.52
N LEU B 90 6.61 -15.82 11.24
CA LEU B 90 5.21 -15.69 11.64
C LEU B 90 5.02 -16.10 13.08
N MET B 91 4.13 -15.40 13.78
CA MET B 91 3.67 -15.81 15.11
C MET B 91 2.18 -15.50 15.11
N GLU B 92 1.36 -16.55 15.11
CA GLU B 92 -0.11 -16.42 15.08
C GLU B 92 -0.77 -17.43 15.99
N SER B 93 -2.09 -17.31 16.16
CA SER B 93 -2.83 -18.35 16.87
C SER B 93 -2.78 -19.64 16.04
N ASP B 94 -2.89 -20.79 16.70
CA ASP B 94 -2.76 -22.06 15.99
C ASP B 94 -3.76 -22.29 14.87
N ASP B 95 -4.93 -21.70 15.02
CA ASP B 95 -6.02 -21.89 14.07
C ASP B 95 -6.07 -20.80 13.02
N GLN B 96 -5.10 -19.88 13.07
CA GLN B 96 -5.09 -18.73 12.18
C GLN B 96 -4.90 -19.15 10.73
N LYS B 97 -5.85 -18.72 9.89
CA LYS B 97 -5.83 -19.01 8.47
C LYS B 97 -4.76 -18.20 7.76
N LEU B 98 -4.04 -18.85 6.84
CA LEU B 98 -2.94 -18.24 6.10
C LEU B 98 -3.06 -18.60 4.62
N LEU B 99 -2.60 -17.71 3.76
CA LEU B 99 -2.49 -18.00 2.33
C LEU B 99 -1.04 -18.28 1.97
N MET B 100 -0.77 -19.52 1.52
CA MET B 100 0.58 -19.89 1.04
C MET B 100 0.58 -19.96 -0.47
N ALA B 101 1.66 -19.51 -1.11
CA ALA B 101 1.69 -19.47 -2.57
C ALA B 101 3.11 -19.41 -3.12
N SER B 102 3.24 -19.85 -4.37
CA SER B 102 4.48 -19.67 -5.11
C SER B 102 4.30 -18.68 -6.23
N ASP B 103 5.41 -18.13 -6.72
CA ASP B 103 5.31 -17.16 -7.81
C ASP B 103 4.98 -17.77 -9.18
N ALA B 104 4.90 -19.10 -9.23
CA ALA B 104 4.40 -19.82 -10.41
C ALA B 104 2.87 -19.73 -10.51
N GLY B 105 2.26 -19.18 -9.46
CA GLY B 105 0.81 -18.96 -9.43
C GLY B 105 -0.03 -20.09 -8.85
N TYR B 106 0.60 -20.92 -7.97
CA TYR B 106 -0.10 -21.99 -7.27
C TYR B 106 -0.08 -21.73 -5.76
N GLY B 107 -1.09 -22.19 -5.06
CA GLY B 107 -1.04 -22.11 -3.61
C GLY B 107 -2.24 -22.69 -2.92
N PHE B 108 -2.36 -22.40 -1.63
CA PHE B 108 -3.41 -23.00 -0.81
C PHE B 108 -3.64 -22.23 0.47
N VAL B 109 -4.82 -22.41 1.06
CA VAL B 109 -5.08 -21.85 2.36
C VAL B 109 -4.68 -22.91 3.37
N CYS B 110 -4.01 -22.51 4.45
CA CYS B 110 -3.80 -23.44 5.58
C CYS B 110 -3.96 -22.73 6.91
N THR B 111 -3.63 -23.41 8.01
CA THR B 111 -3.58 -22.78 9.31
C THR B 111 -2.14 -22.67 9.78
N PHE B 112 -1.90 -21.78 10.74
CA PHE B 112 -0.58 -21.65 11.37
C PHE B 112 -0.05 -23.00 11.89
N ASN B 113 -0.93 -23.82 12.46
CA ASN B 113 -0.54 -25.14 12.96
C ASN B 113 0.13 -26.00 11.90
N ASP B 114 -0.27 -25.84 10.65
CA ASP B 114 0.32 -26.60 9.54
C ASP B 114 1.78 -26.25 9.29
N LEU B 115 2.20 -25.08 9.74
CA LEU B 115 3.58 -24.67 9.54
C LEU B 115 4.50 -25.15 10.67
N VAL B 116 3.91 -25.59 11.76
CA VAL B 116 4.68 -25.87 12.98
C VAL B 116 5.39 -27.22 12.89
N ALA B 117 6.71 -27.17 12.70
CA ALA B 117 7.54 -28.35 12.59
C ALA B 117 8.73 -28.18 13.54
N ARG B 118 8.72 -28.94 14.64
CA ARG B 118 9.69 -28.71 15.72
C ARG B 118 11.03 -29.43 15.51
N ASN B 119 11.07 -30.35 14.54
CA ASN B 119 12.32 -30.99 14.16
C ASN B 119 13.26 -30.02 13.47
N ARG B 120 14.56 -30.30 13.57
CA ARG B 120 15.56 -29.34 13.10
C ARG B 120 15.49 -29.10 11.59
N ALA B 121 15.08 -30.12 10.83
CA ALA B 121 15.00 -29.97 9.36
C ALA B 121 13.65 -29.40 8.89
N GLY B 122 12.74 -29.15 9.83
CA GLY B 122 11.42 -28.57 9.47
C GLY B 122 10.58 -29.50 8.60
N LYS B 123 9.62 -28.91 7.88
CA LYS B 123 8.66 -29.65 7.07
C LYS B 123 8.63 -29.05 5.67
N ALA B 124 8.50 -29.91 4.65
CA ALA B 124 8.28 -29.44 3.29
C ALA B 124 6.85 -28.95 3.22
N LEU B 125 6.68 -27.63 3.13
CA LEU B 125 5.35 -27.04 3.24
C LEU B 125 4.75 -26.71 1.87
N ILE B 126 5.47 -25.93 1.09
CA ILE B 126 5.02 -25.63 -0.27
C ILE B 126 6.05 -26.11 -1.28
N THR B 127 5.58 -26.82 -2.29
CA THR B 127 6.44 -27.34 -3.34
C THR B 127 6.58 -26.31 -4.44
N LEU B 128 7.82 -25.94 -4.76
CA LEU B 128 8.09 -24.93 -5.78
C LEU B 128 8.39 -25.55 -7.13
N PRO B 129 7.61 -25.17 -8.17
CA PRO B 129 8.00 -25.51 -9.53
C PRO B 129 9.40 -24.98 -9.86
N GLU B 130 9.93 -25.38 -11.02
CA GLU B 130 11.29 -25.02 -11.39
C GLU B 130 11.57 -23.51 -11.33
N ASN B 131 12.58 -23.12 -10.55
CA ASN B 131 13.00 -21.73 -10.42
C ASN B 131 11.96 -20.80 -9.78
N ALA B 132 10.93 -21.38 -9.16
CA ALA B 132 9.90 -20.58 -8.49
C ALA B 132 10.34 -20.17 -7.10
N HIS B 133 9.69 -19.14 -6.57
CA HIS B 133 9.96 -18.63 -5.23
C HIS B 133 8.68 -18.62 -4.42
N VAL B 134 8.85 -18.67 -3.10
CA VAL B 134 7.76 -18.53 -2.17
C VAL B 134 7.28 -17.08 -2.16
N MET B 135 5.97 -16.88 -2.26
CA MET B 135 5.38 -15.54 -2.04
C MET B 135 5.36 -15.25 -0.52
N PRO B 136 5.33 -13.96 -0.13
CA PRO B 136 5.11 -13.67 1.30
C PRO B 136 3.78 -14.26 1.76
N PRO B 137 3.82 -15.09 2.81
CA PRO B 137 2.56 -15.61 3.35
C PRO B 137 1.65 -14.49 3.79
N VAL B 138 0.34 -14.70 3.61
CA VAL B 138 -0.62 -13.66 3.94
C VAL B 138 -1.52 -14.17 5.03
N VAL B 139 -1.62 -13.39 6.10
CA VAL B 139 -2.52 -13.73 7.18
C VAL B 139 -3.94 -13.33 6.76
N ILE B 140 -4.88 -14.27 6.82
CA ILE B 140 -6.24 -14.01 6.36
C ILE B 140 -7.08 -13.51 7.53
N GLU B 141 -7.41 -12.22 7.50
CA GLU B 141 -8.02 -11.56 8.66
C GLU B 141 -9.50 -11.80 8.74
N ASP B 142 -10.12 -12.05 7.60
CA ASP B 142 -11.55 -12.20 7.50
C ASP B 142 -11.82 -13.20 6.38
N ALA B 143 -12.59 -14.24 6.69
CA ALA B 143 -12.87 -15.34 5.75
C ALA B 143 -13.61 -14.92 4.49
N SER B 144 -14.25 -13.75 4.53
CA SER B 144 -15.02 -13.22 3.40
C SER B 144 -14.16 -12.34 2.47
N ASP B 145 -12.89 -12.16 2.83
CA ASP B 145 -12.01 -11.31 2.03
C ASP B 145 -11.75 -11.88 0.62
N MET B 146 -11.28 -11.01 -0.27
CA MET B 146 -10.94 -11.36 -1.63
C MET B 146 -9.47 -11.66 -1.74
N LEU B 147 -9.13 -12.62 -2.58
CA LEU B 147 -7.73 -12.78 -3.00
C LEU B 147 -7.52 -11.89 -4.22
N LEU B 148 -6.43 -11.10 -4.23
CA LEU B 148 -6.09 -10.30 -5.41
C LEU B 148 -4.68 -10.66 -5.91
N ALA B 149 -4.58 -11.06 -7.17
CA ALA B 149 -3.32 -11.52 -7.78
C ALA B 149 -2.94 -10.56 -8.90
N ILE B 150 -1.68 -10.13 -8.94
CA ILE B 150 -1.20 -9.31 -10.05
C ILE B 150 0.03 -9.98 -10.61
N THR B 151 0.04 -10.21 -11.93
CA THR B 151 1.20 -10.90 -12.54
C THR B 151 2.25 -9.88 -13.02
N GLN B 152 3.44 -10.42 -13.31
CA GLN B 152 4.55 -9.66 -13.88
C GLN B 152 4.15 -8.97 -15.18
N ALA B 153 3.32 -9.67 -15.95
CA ALA B 153 2.85 -9.15 -17.25
C ALA B 153 1.82 -8.03 -17.11
N GLY B 154 1.30 -7.87 -15.89
CA GLY B 154 0.28 -6.86 -15.61
C GLY B 154 -1.17 -7.35 -15.67
N ARG B 155 -1.38 -8.65 -15.51
CA ARG B 155 -2.75 -9.17 -15.44
C ARG B 155 -3.21 -9.15 -13.99
N MET B 156 -4.49 -8.86 -13.75
CA MET B 156 -5.05 -8.87 -12.39
C MET B 156 -6.25 -9.82 -12.31
N LEU B 157 -6.35 -10.55 -11.20
CA LEU B 157 -7.52 -11.39 -10.97
C LEU B 157 -7.92 -11.32 -9.53
N MET B 158 -9.22 -11.23 -9.26
CA MET B 158 -9.73 -11.17 -7.89
C MET B 158 -10.85 -12.19 -7.75
N PHE B 159 -10.81 -12.96 -6.67
CA PHE B 159 -11.89 -13.90 -6.32
C PHE B 159 -11.89 -14.10 -4.80
N PRO B 160 -13.03 -14.50 -4.21
CA PRO B 160 -13.06 -14.70 -2.77
C PRO B 160 -12.03 -15.72 -2.32
N VAL B 161 -11.29 -15.42 -1.25
CA VAL B 161 -10.21 -16.29 -0.81
C VAL B 161 -10.76 -17.66 -0.39
N SER B 162 -12.03 -17.71 0.00
CA SER B 162 -12.68 -18.99 0.33
C SER B 162 -12.78 -19.95 -0.86
N ASP B 163 -12.59 -19.45 -2.07
CA ASP B 163 -12.61 -20.26 -3.30
C ASP B 163 -11.34 -21.11 -3.47
N LEU B 164 -10.28 -20.76 -2.75
CA LEU B 164 -9.02 -21.50 -2.82
C LEU B 164 -8.99 -22.63 -1.80
N PRO B 165 -8.87 -23.87 -2.29
CA PRO B 165 -8.89 -25.01 -1.38
C PRO B 165 -7.88 -24.98 -0.25
N GLN B 166 -8.31 -25.51 0.88
CA GLN B 166 -7.44 -25.66 2.04
C GLN B 166 -6.64 -26.97 1.95
N LEU B 167 -5.33 -26.84 2.12
CA LEU B 167 -4.41 -27.99 2.17
C LEU B 167 -3.46 -27.83 3.37
N SER B 168 -2.77 -28.92 3.76
CA SER B 168 -1.76 -28.81 4.82
C SER B 168 -0.34 -28.67 4.27
N LYS B 169 -0.18 -28.89 2.97
CA LYS B 169 1.12 -28.84 2.29
C LYS B 169 0.91 -29.11 0.80
N GLY B 170 1.95 -28.89 0.00
CA GLY B 170 1.93 -29.32 -1.37
C GLY B 170 2.25 -28.20 -2.35
N LYS B 171 2.06 -28.49 -3.63
CA LYS B 171 2.21 -27.47 -4.68
C LYS B 171 1.10 -26.43 -4.53
N GLY B 172 -0.09 -26.90 -4.14
CA GLY B 172 -1.28 -26.09 -4.10
C GLY B 172 -2.06 -26.18 -5.41
N ASN B 173 -3.18 -25.46 -5.47
CA ASN B 173 -3.98 -25.41 -6.69
C ASN B 173 -3.73 -24.09 -7.42
N LYS B 174 -4.11 -24.04 -8.70
CA LYS B 174 -3.83 -22.85 -9.49
C LYS B 174 -4.61 -21.63 -8.98
N ILE B 175 -3.90 -20.55 -8.68
CA ILE B 175 -4.52 -19.28 -8.27
C ILE B 175 -4.83 -18.47 -9.52
N ILE B 176 -3.82 -18.34 -10.38
CA ILE B 176 -3.90 -17.58 -11.62
C ILE B 176 -3.03 -18.30 -12.63
N ASN B 177 -3.46 -18.31 -13.90
CA ASN B 177 -2.74 -19.08 -14.92
C ASN B 177 -1.59 -18.30 -15.51
N ILE B 178 -0.36 -18.77 -15.28
CA ILE B 178 0.84 -18.19 -15.85
C ILE B 178 1.55 -19.32 -16.57
N PRO B 179 1.94 -19.10 -17.85
CA PRO B 179 2.58 -20.13 -18.65
C PRO B 179 3.79 -20.69 -17.94
N SER B 180 3.78 -21.99 -17.66
CA SER B 180 4.81 -22.63 -16.83
C SER B 180 6.24 -22.36 -17.29
N ALA B 181 6.45 -22.29 -18.61
CA ALA B 181 7.78 -22.10 -19.17
C ALA B 181 8.25 -20.67 -18.96
N GLU B 182 7.33 -19.72 -19.08
CA GLU B 182 7.67 -18.32 -18.81
C GLU B 182 8.02 -18.16 -17.35
N ALA B 183 7.26 -18.86 -16.51
CA ALA B 183 7.46 -18.84 -15.06
C ALA B 183 8.85 -19.38 -14.72
N ALA B 184 9.20 -20.52 -15.33
CA ALA B 184 10.51 -21.13 -15.09
C ALA B 184 11.67 -20.23 -15.56
N ARG B 185 11.42 -19.40 -16.59
CA ARG B 185 12.42 -18.48 -17.12
C ARG B 185 12.40 -17.07 -16.51
N GLY B 186 11.47 -16.80 -15.59
CA GLY B 186 11.35 -15.48 -14.98
C GLY B 186 10.77 -14.43 -15.91
N GLU B 187 10.05 -14.89 -16.93
CA GLU B 187 9.46 -13.99 -17.93
C GLU B 187 8.06 -13.56 -17.56
N ASP B 188 7.40 -14.36 -16.73
CA ASP B 188 6.13 -13.97 -16.11
C ASP B 188 6.07 -14.66 -14.75
N GLY B 189 5.07 -14.32 -13.96
CA GLY B 189 4.99 -14.93 -12.62
C GLY B 189 4.01 -14.10 -11.80
N LEU B 190 3.69 -14.60 -10.61
CA LEU B 190 2.89 -13.82 -9.68
C LEU B 190 3.79 -12.77 -9.02
N ALA B 191 3.49 -11.48 -9.28
CA ALA B 191 4.28 -10.36 -8.73
C ALA B 191 3.78 -9.93 -7.36
N GLN B 192 2.46 -9.85 -7.18
CA GLN B 192 1.87 -9.40 -5.90
C GLN B 192 0.68 -10.25 -5.61
N LEU B 193 0.49 -10.53 -4.33
CA LEU B 193 -0.63 -11.35 -3.91
C LEU B 193 -1.15 -10.85 -2.58
N TYR B 194 -2.42 -10.44 -2.55
CA TYR B 194 -3.04 -9.83 -1.38
C TYR B 194 -4.29 -10.58 -0.97
N VAL B 195 -4.66 -10.44 0.30
CA VAL B 195 -5.99 -10.83 0.74
C VAL B 195 -6.58 -9.59 1.41
N LEU B 196 -7.70 -9.12 0.87
CA LEU B 196 -8.22 -7.82 1.29
C LEU B 196 -9.70 -7.73 1.08
N PRO B 197 -10.37 -6.83 1.83
CA PRO B 197 -11.80 -6.70 1.60
C PRO B 197 -12.12 -6.06 0.25
N PRO B 198 -13.29 -6.39 -0.33
CA PRO B 198 -13.64 -5.81 -1.63
C PRO B 198 -13.73 -4.28 -1.64
N GLN B 199 -14.00 -3.64 -0.50
CA GLN B 199 -14.08 -2.16 -0.46
C GLN B 199 -12.73 -1.46 -0.37
N SER B 200 -11.67 -2.15 -0.80
CA SER B 200 -10.33 -1.58 -0.75
C SER B 200 -10.04 -0.71 -1.96
N THR B 201 -9.06 0.19 -1.82
CA THR B 201 -8.60 1.06 -2.90
C THR B 201 -7.10 0.81 -3.06
N LEU B 202 -6.67 0.60 -4.30
CA LEU B 202 -5.21 0.48 -4.60
C LEU B 202 -4.70 1.69 -5.36
N THR B 203 -3.55 2.22 -4.93
CA THR B 203 -2.86 3.25 -5.71
C THR B 203 -1.53 2.63 -6.12
N ILE B 204 -1.31 2.58 -7.42
CA ILE B 204 -0.15 1.88 -7.98
C ILE B 204 0.72 2.88 -8.76
N HIS B 205 2.04 2.80 -8.52
CA HIS B 205 3.00 3.69 -9.16
C HIS B 205 3.93 2.87 -10.02
N VAL B 206 4.17 3.36 -11.24
CA VAL B 206 5.16 2.78 -12.13
C VAL B 206 5.98 3.99 -12.57
N GLY B 207 7.15 4.16 -11.95
CA GLY B 207 7.92 5.41 -12.11
C GLY B 207 7.10 6.62 -11.71
N LYS B 208 6.98 7.56 -12.63
CA LYS B 208 6.25 8.80 -12.41
C LYS B 208 4.74 8.65 -12.62
N ARG B 209 4.31 7.53 -13.22
CA ARG B 209 2.89 7.29 -13.53
C ARG B 209 2.18 6.70 -12.32
N LYS B 210 0.93 7.10 -12.12
CA LYS B 210 0.12 6.61 -11.02
C LYS B 210 -1.23 6.17 -11.57
N ILE B 211 -1.75 5.08 -11.02
CA ILE B 211 -3.10 4.58 -11.37
C ILE B 211 -3.84 4.36 -10.06
N LYS B 212 -5.10 4.77 -10.00
CA LYS B 212 -5.89 4.61 -8.78
C LYS B 212 -7.00 3.65 -9.13
N LEU B 213 -7.11 2.54 -8.38
CA LEU B 213 -8.19 1.56 -8.56
C LEU B 213 -9.09 1.56 -7.36
N ARG B 214 -10.29 2.11 -7.52
CA ARG B 214 -11.32 2.08 -6.48
C ARG B 214 -11.91 0.68 -6.39
N PRO B 215 -12.73 0.42 -5.36
CA PRO B 215 -13.52 -0.81 -5.36
C PRO B 215 -14.20 -1.09 -6.71
N GLU B 216 -14.72 -0.04 -7.35
CA GLU B 216 -15.39 -0.16 -8.65
C GLU B 216 -14.48 -0.80 -9.67
N GLU B 217 -13.24 -0.33 -9.71
CA GLU B 217 -12.26 -0.88 -10.66
C GLU B 217 -11.88 -2.31 -10.30
N LEU B 218 -11.73 -2.60 -9.00
CA LEU B 218 -11.34 -3.95 -8.62
C LEU B 218 -12.45 -4.93 -8.98
N GLN B 219 -13.69 -4.47 -8.89
CA GLN B 219 -14.81 -5.35 -9.26
C GLN B 219 -14.69 -5.86 -10.69
N LYS B 220 -14.12 -5.04 -11.59
CA LYS B 220 -13.99 -5.38 -13.01
C LYS B 220 -12.96 -6.45 -13.29
N VAL B 221 -12.09 -6.75 -12.32
CA VAL B 221 -11.10 -7.81 -12.52
C VAL B 221 -11.47 -9.08 -11.76
N THR B 222 -12.71 -9.13 -11.26
CA THR B 222 -13.19 -10.34 -10.59
C THR B 222 -13.38 -11.41 -11.64
N GLY B 223 -12.90 -12.61 -11.34
CA GLY B 223 -13.07 -13.75 -12.24
C GLY B 223 -12.92 -15.05 -11.50
N GLU B 224 -12.86 -16.14 -12.23
CA GLU B 224 -12.75 -17.45 -11.62
C GLU B 224 -11.31 -17.76 -11.26
N ARG B 225 -11.13 -18.40 -10.11
CA ARG B 225 -9.83 -18.93 -9.73
C ARG B 225 -9.22 -19.76 -10.87
N GLY B 226 -7.96 -19.53 -11.18
CA GLY B 226 -7.25 -20.30 -12.20
C GLY B 226 -7.25 -19.69 -13.58
N ARG B 227 -8.04 -18.64 -13.79
CA ARG B 227 -8.09 -17.95 -15.10
C ARG B 227 -6.82 -17.09 -15.22
N ARG B 228 -6.58 -16.46 -16.37
CA ARG B 228 -5.31 -15.72 -16.51
C ARG B 228 -5.33 -14.30 -15.97
N GLY B 229 -6.52 -13.78 -15.70
CA GLY B 229 -6.65 -12.41 -15.25
C GLY B 229 -6.72 -11.43 -16.42
N THR B 230 -7.08 -10.19 -16.11
CA THR B 230 -7.31 -9.18 -17.14
C THR B 230 -6.05 -8.32 -17.32
N LEU B 231 -5.56 -8.20 -18.55
CA LEU B 231 -4.37 -7.40 -18.79
C LEU B 231 -4.68 -5.92 -18.64
N MET B 232 -3.96 -5.25 -17.73
CA MET B 232 -4.14 -3.84 -17.45
C MET B 232 -2.99 -3.08 -18.07
N ARG B 233 -3.31 -2.23 -19.02
CA ARG B 233 -2.31 -1.50 -19.77
C ARG B 233 -1.51 -0.63 -18.83
N GLY B 234 -0.19 -0.81 -18.88
CA GLY B 234 0.74 -0.03 -18.07
C GLY B 234 0.80 -0.49 -16.63
N LEU B 235 0.69 -1.80 -16.42
CA LEU B 235 0.78 -2.35 -15.06
C LEU B 235 1.96 -3.30 -14.88
N GLN B 236 3.01 -3.07 -15.66
CA GLN B 236 4.26 -3.80 -15.51
C GLN B 236 5.23 -2.96 -14.72
N ARG B 237 6.19 -3.63 -14.08
CA ARG B 237 7.26 -2.98 -13.33
C ARG B 237 6.70 -2.07 -12.24
N ILE B 238 5.75 -2.59 -11.47
CA ILE B 238 5.13 -1.82 -10.40
C ILE B 238 6.21 -1.53 -9.36
N ASP B 239 6.40 -0.27 -9.00
CA ASP B 239 7.41 0.02 -8.00
C ASP B 239 6.90 0.51 -6.66
N ARG B 240 5.66 0.97 -6.58
CA ARG B 240 5.08 1.33 -5.29
C ARG B 240 3.59 0.98 -5.29
N VAL B 241 3.09 0.51 -4.16
CA VAL B 241 1.65 0.25 -4.02
C VAL B 241 1.16 0.71 -2.66
N GLU B 242 0.01 1.37 -2.64
CA GLU B 242 -0.66 1.64 -1.36
C GLU B 242 -2.02 1.00 -1.41
N ILE B 243 -2.38 0.33 -0.32
CA ILE B 243 -3.71 -0.32 -0.23
C ILE B 243 -4.39 0.23 0.99
N ASP B 244 -5.61 0.73 0.80
CA ASP B 244 -6.40 1.22 1.91
C ASP B 244 -7.59 0.31 2.02
N SER B 245 -7.74 -0.35 3.18
CA SER B 245 -8.78 -1.35 3.36
C SER B 245 -9.69 -1.06 4.55
N PRO B 246 -10.88 -0.49 4.31
CA PRO B 246 -11.89 -0.33 5.39
C PRO B 246 -12.11 -1.60 6.23
#